data_1K9O
#
_entry.id   1K9O
#
_cell.length_a   112.572
_cell.length_b   112.572
_cell.length_c   95.955
_cell.angle_alpha   90.00
_cell.angle_beta   90.00
_cell.angle_gamma   120.00
#
_symmetry.space_group_name_H-M   'P 31 2 1'
#
loop_
_entity.id
_entity.type
_entity.pdbx_description
1 polymer ALASERPIN
2 polymer 'TRYPSIN II ANIONIC'
3 water water
#
loop_
_entity_poly.entity_id
_entity_poly.type
_entity_poly.pdbx_seq_one_letter_code
_entity_poly.pdbx_strand_id
1 'polypeptide(L)'
;MAGETDLQKILRESNDQFTAQMFSEVVKANPGQNVVLSAFSVLPPLGQLALASVGESHDELLRALALPNDNVTKDVFADL
NRGVRAVKGVDLKMASKIYVAKGLELNDDFAAVSRDVFGSEVQNVDFVKSVEAAGAINKWVEDQTNNRIKNLVDPDALDE
TTRSVLVNAIYFKGSWKDKFVKERTMDRDFHVSKDKTIKVPTMIGKKDVRYADVPELDAKMIEMSYEGDQASMIIILPNQ
VDGITALEQKLKDPKALSRAEERLYNTEVEITLPKFKIETTTDLKEVLSNMNIKKLFTPGAARLENLLKTKESLTVDAAI
QKAFIEVNEEGAEAAAANAFGIVPKSLILYPEVHIDRPFYFELKIDGIPMFNGKVIEP
;
I
2 'polypeptide(L)'
;IVGGYTCQENSVPYQVSLNSGYHFCGGSLINDQWVVSAAHCYKSRIQVRLGEHNINVLEGNEQFVNAAKIIKHPNFDRKT
LNNDIMLIKLSSPVKLNARVATVALPSSCAPAGTQCLISGWGNTLSSGVNEPDLLQCLDAPLLPQADCEASYPGKITDNM
VCVGFLEGGKDSCQGDAGGPVVCNGELQGIVSWGYGCALPDNPGVYTKVCNYVDWIQDTIAAN
;
E
#
# COMPACT_ATOMS: atom_id res chain seq x y z
N GLY A 3 -16.17 -10.07 -28.68
CA GLY A 3 -15.13 -10.43 -29.69
C GLY A 3 -13.73 -10.42 -29.10
N GLU A 4 -13.27 -9.24 -28.69
CA GLU A 4 -11.95 -9.06 -28.07
C GLU A 4 -11.88 -9.71 -26.69
N THR A 5 -12.99 -10.34 -26.28
CA THR A 5 -13.07 -11.04 -25.00
C THR A 5 -12.50 -12.45 -25.20
N ASP A 6 -12.56 -12.93 -26.43
CA ASP A 6 -12.05 -14.26 -26.78
C ASP A 6 -10.58 -14.21 -27.16
N LEU A 7 -9.95 -13.05 -26.97
CA LEU A 7 -8.55 -12.85 -27.28
C LEU A 7 -7.80 -12.50 -25.99
N GLN A 8 -8.56 -12.02 -24.99
CA GLN A 8 -8.01 -11.63 -23.71
C GLN A 8 -8.21 -12.64 -22.60
N LYS A 9 -9.38 -13.29 -22.58
CA LYS A 9 -9.64 -14.32 -21.56
C LYS A 9 -9.03 -15.64 -22.05
N ILE A 10 -8.28 -15.53 -23.14
CA ILE A 10 -7.58 -16.64 -23.76
C ILE A 10 -6.09 -16.33 -23.58
N LEU A 11 -5.78 -15.03 -23.51
CA LEU A 11 -4.42 -14.52 -23.31
C LEU A 11 -4.09 -14.54 -21.82
N ARG A 12 -5.12 -14.72 -20.99
CA ARG A 12 -4.96 -14.78 -19.56
C ARG A 12 -4.65 -16.23 -19.13
N GLU A 13 -5.21 -17.19 -19.86
CA GLU A 13 -5.00 -18.60 -19.57
C GLU A 13 -3.58 -19.07 -19.87
N SER A 14 -3.01 -18.51 -20.93
CA SER A 14 -1.64 -18.84 -21.35
C SER A 14 -0.66 -18.34 -20.31
N ASN A 15 -0.83 -17.05 -19.98
CA ASN A 15 0.00 -16.35 -19.00
C ASN A 15 0.10 -17.13 -17.69
N ASP A 16 -1.04 -17.57 -17.17
CA ASP A 16 -1.08 -18.32 -15.91
C ASP A 16 -0.28 -19.62 -15.95
N GLN A 17 -0.24 -20.26 -17.11
CA GLN A 17 0.52 -21.50 -17.28
C GLN A 17 2.01 -21.15 -17.32
N PHE A 18 2.35 -20.16 -18.13
CA PHE A 18 3.73 -19.69 -18.29
C PHE A 18 4.30 -19.01 -17.04
N THR A 19 3.47 -18.21 -16.36
CA THR A 19 3.86 -17.48 -15.15
C THR A 19 4.27 -18.44 -14.04
N ALA A 20 3.43 -19.45 -13.82
CA ALA A 20 3.67 -20.47 -12.81
C ALA A 20 4.90 -21.27 -13.15
N GLN A 21 5.11 -21.50 -14.45
CA GLN A 21 6.25 -22.27 -14.96
C GLN A 21 7.56 -21.49 -14.89
N MET A 22 7.50 -20.23 -15.29
CA MET A 22 8.64 -19.33 -15.26
C MET A 22 9.05 -19.14 -13.79
N PHE A 23 8.06 -19.05 -12.91
CA PHE A 23 8.28 -18.85 -11.48
C PHE A 23 9.09 -19.96 -10.78
N SER A 24 8.68 -21.21 -10.98
CA SER A 24 9.38 -22.35 -10.38
C SER A 24 10.81 -22.45 -10.88
N GLU A 25 11.00 -22.29 -12.19
CA GLU A 25 12.31 -22.35 -12.84
C GLU A 25 13.34 -21.34 -12.35
N VAL A 26 12.91 -20.10 -12.11
CA VAL A 26 13.81 -19.04 -11.65
C VAL A 26 14.19 -19.30 -10.18
N VAL A 27 13.24 -19.84 -9.42
CA VAL A 27 13.48 -20.16 -8.03
C VAL A 27 14.51 -21.30 -8.00
N LYS A 28 14.39 -22.23 -8.95
CA LYS A 28 15.30 -23.38 -9.06
C LYS A 28 16.65 -22.98 -9.65
N ALA A 29 16.75 -21.74 -10.11
CA ALA A 29 17.98 -21.22 -10.68
C ALA A 29 18.69 -20.29 -9.70
N ASN A 30 17.93 -19.68 -8.81
CA ASN A 30 18.47 -18.74 -7.82
C ASN A 30 18.08 -19.13 -6.38
N PRO A 31 18.50 -20.32 -5.92
CA PRO A 31 18.21 -20.86 -4.58
C PRO A 31 18.65 -20.00 -3.38
N GLY A 32 17.79 -19.96 -2.35
CA GLY A 32 18.07 -19.20 -1.14
C GLY A 32 18.28 -17.72 -1.34
N GLN A 33 17.42 -17.10 -2.13
CA GLN A 33 17.55 -15.69 -2.40
C GLN A 33 16.27 -15.09 -2.94
N ASN A 34 16.23 -13.76 -2.98
CA ASN A 34 15.10 -13.00 -3.49
C ASN A 34 15.08 -12.97 -5.02
N VAL A 35 13.92 -13.19 -5.61
CA VAL A 35 13.79 -13.14 -7.05
C VAL A 35 12.60 -12.31 -7.50
N VAL A 36 12.66 -11.89 -8.75
CA VAL A 36 11.62 -11.11 -9.40
C VAL A 36 11.72 -11.46 -10.90
N LEU A 37 10.57 -11.62 -11.54
CA LEU A 37 10.51 -12.01 -12.95
C LEU A 37 9.21 -11.58 -13.59
N SER A 38 9.25 -11.32 -14.89
CA SER A 38 8.05 -10.95 -15.64
C SER A 38 7.85 -11.98 -16.74
N ALA A 39 7.08 -13.02 -16.43
CA ALA A 39 6.78 -14.09 -17.37
C ALA A 39 5.93 -13.54 -18.52
N PHE A 40 5.01 -12.64 -18.19
CA PHE A 40 4.11 -11.99 -19.13
C PHE A 40 4.84 -11.28 -20.28
N SER A 41 5.86 -10.48 -19.94
CA SER A 41 6.66 -9.72 -20.93
C SER A 41 7.52 -10.58 -21.86
N VAL A 42 7.73 -11.85 -21.51
CA VAL A 42 8.53 -12.75 -22.33
C VAL A 42 7.69 -13.47 -23.40
N LEU A 43 6.37 -13.37 -23.26
CA LEU A 43 5.46 -14.01 -24.21
C LEU A 43 5.45 -13.34 -25.59
N PRO A 44 5.42 -12.00 -25.64
CA PRO A 44 5.42 -11.30 -26.94
C PRO A 44 6.63 -11.61 -27.83
N PRO A 45 7.86 -11.71 -27.26
CA PRO A 45 9.05 -12.03 -28.05
C PRO A 45 9.01 -13.46 -28.55
N LEU A 46 8.29 -14.32 -27.82
CA LEU A 46 8.17 -15.71 -28.19
C LEU A 46 7.14 -15.84 -29.31
N GLY A 47 6.09 -15.02 -29.24
CA GLY A 47 5.04 -15.02 -30.26
C GLY A 47 5.60 -14.35 -31.50
N GLN A 48 6.58 -13.49 -31.27
CA GLN A 48 7.29 -12.77 -32.32
C GLN A 48 8.30 -13.72 -32.96
N LEU A 49 8.75 -14.69 -32.16
CA LEU A 49 9.72 -15.70 -32.55
C LEU A 49 9.09 -16.96 -33.11
N ALA A 50 7.84 -17.23 -32.75
CA ALA A 50 7.11 -18.40 -33.22
C ALA A 50 6.63 -18.14 -34.65
N LEU A 51 6.83 -16.92 -35.10
CA LEU A 51 6.43 -16.49 -36.44
C LEU A 51 7.61 -16.34 -37.40
N ALA A 52 8.75 -16.91 -37.03
CA ALA A 52 9.96 -16.90 -37.85
C ALA A 52 10.43 -18.35 -37.89
N SER A 53 10.21 -19.02 -36.75
CA SER A 53 10.54 -20.43 -36.54
C SER A 53 9.45 -21.27 -37.19
N VAL A 54 9.86 -22.21 -38.03
CA VAL A 54 8.92 -23.09 -38.72
C VAL A 54 9.14 -24.55 -38.32
N GLY A 55 8.13 -25.37 -38.62
CA GLY A 55 8.19 -26.79 -38.31
C GLY A 55 8.03 -27.09 -36.84
N GLU A 56 8.75 -28.10 -36.36
CA GLU A 56 8.71 -28.53 -34.97
C GLU A 56 9.10 -27.46 -33.95
N SER A 57 9.77 -26.40 -34.40
CA SER A 57 10.17 -25.30 -33.53
C SER A 57 8.94 -24.47 -33.19
N HIS A 58 8.19 -24.12 -34.24
CA HIS A 58 6.95 -23.35 -34.11
C HIS A 58 5.93 -24.06 -33.20
N ASP A 59 5.78 -25.38 -33.41
CA ASP A 59 4.83 -26.20 -32.64
C ASP A 59 5.20 -26.40 -31.18
N GLU A 60 6.47 -26.19 -30.87
CA GLU A 60 6.98 -26.32 -29.51
C GLU A 60 6.67 -25.02 -28.75
N LEU A 61 6.95 -23.90 -29.42
CA LEU A 61 6.71 -22.55 -28.90
C LEU A 61 5.22 -22.33 -28.67
N LEU A 62 4.42 -22.63 -29.70
CA LEU A 62 2.97 -22.49 -29.64
C LEU A 62 2.36 -23.39 -28.56
N ARG A 63 3.02 -24.51 -28.28
CA ARG A 63 2.57 -25.42 -27.24
C ARG A 63 2.74 -24.67 -25.92
N ALA A 64 3.97 -24.21 -25.68
CA ALA A 64 4.34 -23.48 -24.47
C ALA A 64 3.63 -22.12 -24.29
N LEU A 65 3.38 -21.43 -25.38
CA LEU A 65 2.68 -20.14 -25.34
C LEU A 65 1.21 -20.40 -25.09
N ALA A 66 0.82 -21.68 -25.15
CA ALA A 66 -0.56 -22.09 -24.95
C ALA A 66 -1.46 -21.48 -26.03
N LEU A 67 -0.98 -21.58 -27.28
CA LEU A 67 -1.70 -21.07 -28.44
C LEU A 67 -1.99 -22.17 -29.47
N PRO A 68 -3.11 -22.07 -30.21
CA PRO A 68 -3.53 -23.03 -31.23
C PRO A 68 -2.74 -22.98 -32.54
N ASN A 69 -2.52 -21.76 -33.04
CA ASN A 69 -1.80 -21.51 -34.30
C ASN A 69 -1.33 -20.07 -34.32
N ASP A 70 -0.55 -19.71 -35.34
CA ASP A 70 -0.06 -18.35 -35.46
C ASP A 70 -1.00 -17.45 -36.26
N ASN A 71 -2.25 -17.85 -36.29
CA ASN A 71 -3.31 -17.10 -36.95
C ASN A 71 -3.76 -16.15 -35.82
N VAL A 72 -4.10 -16.75 -34.68
CA VAL A 72 -4.55 -16.05 -33.48
C VAL A 72 -3.41 -15.43 -32.65
N THR A 73 -2.19 -15.91 -32.84
CA THR A 73 -1.01 -15.40 -32.12
C THR A 73 -0.76 -13.92 -32.47
N LYS A 74 -0.98 -13.58 -33.74
CA LYS A 74 -0.81 -12.23 -34.22
C LYS A 74 -1.87 -11.27 -33.66
N ASP A 75 -3.12 -11.74 -33.61
CA ASP A 75 -4.25 -10.95 -33.12
C ASP A 75 -4.18 -10.76 -31.61
N VAL A 76 -3.61 -11.75 -30.92
CA VAL A 76 -3.46 -11.69 -29.47
C VAL A 76 -2.41 -10.63 -29.10
N PHE A 77 -1.32 -10.57 -29.86
CA PHE A 77 -0.25 -9.59 -29.62
C PHE A 77 -0.47 -8.27 -30.34
N ALA A 78 -1.26 -8.29 -31.42
CA ALA A 78 -1.59 -7.07 -32.14
C ALA A 78 -2.63 -6.32 -31.30
N ASP A 79 -3.30 -7.07 -30.43
CA ASP A 79 -4.31 -6.55 -29.51
C ASP A 79 -3.56 -6.00 -28.30
N LEU A 80 -2.64 -6.83 -27.82
CA LEU A 80 -1.81 -6.48 -26.67
C LEU A 80 -0.92 -5.29 -27.04
N ASN A 81 -0.69 -5.09 -28.33
CA ASN A 81 0.14 -4.00 -28.80
C ASN A 81 -0.61 -2.70 -29.05
N ARG A 82 -1.88 -2.65 -28.66
CA ARG A 82 -2.71 -1.45 -28.83
C ARG A 82 -3.32 -1.11 -27.46
N GLY A 83 -2.45 -1.06 -26.46
CA GLY A 83 -2.83 -0.75 -25.09
C GLY A 83 -1.60 -1.19 -24.35
N VAL A 84 -0.49 -0.50 -24.62
CA VAL A 84 0.80 -0.86 -24.03
C VAL A 84 1.66 0.29 -23.47
N ARG A 85 1.05 1.43 -23.09
CA ARG A 85 1.85 2.55 -22.58
C ARG A 85 2.02 2.77 -21.06
N ALA A 86 1.19 3.63 -20.44
CA ALA A 86 1.34 3.92 -19.01
C ALA A 86 0.17 3.71 -18.03
N VAL A 87 -0.76 4.66 -18.00
CA VAL A 87 -1.95 4.64 -17.13
C VAL A 87 -1.71 4.91 -15.63
N LYS A 88 -2.78 4.83 -14.84
CA LYS A 88 -2.77 5.11 -13.39
C LYS A 88 -2.25 4.11 -12.37
N GLY A 89 -1.61 4.68 -11.35
CA GLY A 89 -1.07 3.90 -10.25
C GLY A 89 0.37 3.47 -10.29
N VAL A 90 0.80 2.87 -11.39
CA VAL A 90 2.17 2.35 -11.50
C VAL A 90 3.02 2.81 -12.68
N ASP A 91 4.32 2.54 -12.57
CA ASP A 91 5.30 2.85 -13.58
C ASP A 91 5.92 1.54 -14.05
N LEU A 92 5.24 0.90 -15.00
CA LEU A 92 5.70 -0.37 -15.57
C LEU A 92 6.49 -0.10 -16.84
N LYS A 93 7.66 -0.73 -16.94
CA LYS A 93 8.52 -0.56 -18.11
C LYS A 93 8.91 -1.91 -18.72
N MET A 94 8.13 -2.36 -19.71
CA MET A 94 8.37 -3.63 -20.40
C MET A 94 9.05 -3.44 -21.75
N ALA A 95 10.22 -4.07 -21.92
CA ALA A 95 11.00 -3.99 -23.15
C ALA A 95 11.44 -5.37 -23.66
N SER A 96 11.62 -5.49 -24.97
CA SER A 96 12.05 -6.72 -25.66
C SER A 96 12.54 -6.46 -27.08
N LYS A 97 13.70 -7.02 -27.43
CA LYS A 97 14.28 -6.82 -28.76
C LYS A 97 15.20 -7.96 -29.21
N ILE A 98 15.28 -8.16 -30.53
CA ILE A 98 16.13 -9.20 -31.12
C ILE A 98 17.33 -8.57 -31.83
N TYR A 99 18.52 -9.07 -31.52
CA TYR A 99 19.75 -8.58 -32.11
C TYR A 99 20.42 -9.66 -32.95
N VAL A 100 20.44 -9.45 -34.27
CA VAL A 100 21.05 -10.37 -35.20
C VAL A 100 22.38 -9.83 -35.73
N ALA A 101 23.41 -10.67 -35.75
CA ALA A 101 24.75 -10.27 -36.23
C ALA A 101 24.69 -9.43 -37.51
N LYS A 102 25.45 -8.33 -37.52
CA LYS A 102 25.51 -7.39 -38.64
C LYS A 102 25.61 -8.03 -40.03
N GLY A 103 26.28 -9.17 -40.10
CA GLY A 103 26.44 -9.88 -41.35
C GLY A 103 25.24 -10.76 -41.68
N LEU A 104 24.04 -10.22 -41.52
CA LEU A 104 22.80 -10.94 -41.80
C LEU A 104 21.75 -10.14 -42.57
N GLU A 105 21.11 -10.82 -43.53
CA GLU A 105 20.06 -10.23 -44.37
C GLU A 105 18.69 -10.74 -43.89
N LEU A 106 17.98 -9.89 -43.15
CA LEU A 106 16.67 -10.24 -42.62
C LEU A 106 15.54 -9.91 -43.59
N ASN A 107 14.35 -10.40 -43.26
CA ASN A 107 13.12 -10.18 -44.02
C ASN A 107 12.78 -8.72 -43.74
N ASP A 108 12.84 -7.90 -44.80
CA ASP A 108 12.58 -6.47 -44.69
C ASP A 108 11.14 -6.16 -44.30
N ASP A 109 10.22 -6.90 -44.89
CA ASP A 109 8.80 -6.70 -44.67
C ASP A 109 8.30 -7.09 -43.27
N PHE A 110 8.91 -8.10 -42.67
CA PHE A 110 8.45 -8.55 -41.38
C PHE A 110 9.14 -8.04 -40.13
N ALA A 111 10.04 -7.08 -40.34
CA ALA A 111 10.71 -6.39 -39.25
C ALA A 111 9.80 -5.17 -39.05
N ALA A 112 8.63 -5.26 -39.70
CA ALA A 112 7.55 -4.27 -39.70
C ALA A 112 6.32 -4.91 -39.05
N VAL A 113 6.10 -6.21 -39.27
CA VAL A 113 4.99 -6.91 -38.63
C VAL A 113 5.51 -7.22 -37.21
N SER A 114 6.76 -6.79 -36.99
CA SER A 114 7.44 -6.90 -35.71
C SER A 114 7.26 -5.54 -35.04
N ARG A 115 7.25 -4.48 -35.85
CA ARG A 115 7.07 -3.11 -35.34
C ARG A 115 5.59 -2.69 -35.36
N ASP A 116 4.76 -3.45 -36.08
CA ASP A 116 3.33 -3.16 -36.19
C ASP A 116 2.41 -4.26 -35.69
N VAL A 117 2.93 -5.11 -34.83
CA VAL A 117 2.15 -6.19 -34.21
C VAL A 117 2.84 -6.50 -32.89
N PHE A 118 4.16 -6.37 -32.88
CA PHE A 118 4.97 -6.61 -31.68
C PHE A 118 5.58 -5.32 -31.17
N GLY A 119 5.52 -4.29 -32.01
CA GLY A 119 6.07 -2.99 -31.66
C GLY A 119 7.58 -2.88 -31.77
N SER A 120 8.29 -3.99 -31.54
CA SER A 120 9.76 -4.03 -31.59
C SER A 120 10.33 -3.98 -33.00
N GLU A 121 11.65 -3.89 -33.06
CA GLU A 121 12.36 -3.84 -34.32
C GLU A 121 13.46 -4.91 -34.23
N VAL A 122 13.87 -5.46 -35.36
CA VAL A 122 14.94 -6.45 -35.33
C VAL A 122 16.20 -5.68 -35.71
N GLN A 123 17.17 -5.65 -34.79
CA GLN A 123 18.40 -4.90 -35.01
C GLN A 123 19.67 -5.71 -35.19
N ASN A 124 20.47 -5.29 -36.18
CA ASN A 124 21.76 -5.91 -36.48
C ASN A 124 22.79 -5.16 -35.67
N VAL A 125 23.73 -5.90 -35.09
CA VAL A 125 24.80 -5.28 -34.31
C VAL A 125 26.06 -6.11 -34.50
N ASP A 126 27.22 -5.46 -34.43
CA ASP A 126 28.49 -6.16 -34.61
C ASP A 126 28.78 -7.04 -33.41
N PHE A 127 28.34 -8.29 -33.49
CA PHE A 127 28.55 -9.26 -32.42
C PHE A 127 30.02 -9.58 -32.24
N VAL A 128 30.81 -9.41 -33.31
CA VAL A 128 32.26 -9.67 -33.28
C VAL A 128 32.91 -8.68 -32.31
N LYS A 129 32.26 -7.53 -32.13
CA LYS A 129 32.70 -6.46 -31.24
C LYS A 129 31.90 -6.56 -29.95
N SER A 130 32.27 -7.51 -29.10
CA SER A 130 31.58 -7.73 -27.83
C SER A 130 31.31 -6.47 -27.01
N VAL A 131 32.35 -5.72 -26.68
CA VAL A 131 32.17 -4.50 -25.88
C VAL A 131 31.42 -3.39 -26.64
N GLU A 132 31.42 -3.43 -27.97
CA GLU A 132 30.73 -2.44 -28.77
C GLU A 132 29.28 -2.89 -28.97
N ALA A 133 29.10 -4.20 -29.10
CA ALA A 133 27.78 -4.81 -29.28
C ALA A 133 27.05 -4.94 -27.95
N ALA A 134 27.80 -5.26 -26.88
CA ALA A 134 27.23 -5.40 -25.54
C ALA A 134 26.81 -4.04 -24.99
N GLY A 135 27.60 -3.02 -25.28
CA GLY A 135 27.28 -1.68 -24.81
C GLY A 135 26.09 -1.10 -25.54
N ALA A 136 26.00 -1.40 -26.84
CA ALA A 136 24.92 -0.95 -27.71
C ALA A 136 23.56 -1.55 -27.29
N ILE A 137 23.62 -2.75 -26.70
CA ILE A 137 22.44 -3.47 -26.23
C ILE A 137 21.98 -2.89 -24.87
N ASN A 138 22.94 -2.72 -23.96
CA ASN A 138 22.70 -2.17 -22.63
C ASN A 138 22.15 -0.75 -22.76
N LYS A 139 22.56 -0.07 -23.84
CA LYS A 139 22.13 1.28 -24.09
C LYS A 139 20.66 1.37 -24.51
N TRP A 140 20.20 0.48 -25.38
CA TRP A 140 18.80 0.52 -25.79
C TRP A 140 17.91 0.11 -24.62
N VAL A 141 18.42 -0.78 -23.78
CA VAL A 141 17.72 -1.27 -22.60
C VAL A 141 17.75 -0.18 -21.52
N GLU A 142 18.85 0.56 -21.46
CA GLU A 142 19.02 1.63 -20.48
C GLU A 142 18.21 2.86 -20.89
N ASP A 143 17.97 3.02 -22.19
CA ASP A 143 17.18 4.14 -22.72
C ASP A 143 15.69 3.83 -22.65
N GLN A 144 15.35 2.55 -22.72
CA GLN A 144 13.96 2.08 -22.66
C GLN A 144 13.44 1.98 -21.22
N THR A 145 14.36 1.91 -20.25
CA THR A 145 14.00 1.83 -18.83
C THR A 145 14.39 3.07 -18.03
N ASN A 146 14.73 4.15 -18.72
CA ASN A 146 15.13 5.41 -18.08
C ASN A 146 16.36 5.21 -17.21
N ASN A 147 17.26 4.34 -17.66
CA ASN A 147 18.49 4.01 -16.96
C ASN A 147 18.25 3.19 -15.67
N ARG A 148 17.07 2.59 -15.59
CA ARG A 148 16.71 1.76 -14.43
C ARG A 148 17.37 0.40 -14.54
N ILE A 149 17.51 -0.09 -15.77
CA ILE A 149 18.15 -1.38 -16.01
C ILE A 149 19.39 -1.19 -16.88
N LYS A 150 20.55 -1.20 -16.23
CA LYS A 150 21.83 -1.06 -16.90
C LYS A 150 22.51 -2.42 -16.89
N ASN A 151 23.56 -2.59 -17.69
CA ASN A 151 24.29 -3.86 -17.75
C ASN A 151 23.43 -5.13 -17.90
N LEU A 152 22.52 -5.15 -18.87
CA LEU A 152 21.70 -6.34 -19.07
C LEU A 152 22.56 -7.53 -19.52
N VAL A 153 23.42 -7.27 -20.50
CA VAL A 153 24.33 -8.29 -21.05
C VAL A 153 25.81 -7.98 -20.77
N ASP A 154 26.59 -9.03 -20.65
CA ASP A 154 28.03 -8.97 -20.38
C ASP A 154 28.80 -9.44 -21.63
N PRO A 155 29.99 -8.85 -21.90
CA PRO A 155 30.81 -9.23 -23.06
C PRO A 155 31.29 -10.70 -23.08
N ASP A 156 31.41 -11.33 -21.90
CA ASP A 156 31.86 -12.73 -21.78
C ASP A 156 30.74 -13.68 -22.23
N ALA A 157 29.66 -13.10 -22.73
CA ALA A 157 28.50 -13.84 -23.22
C ALA A 157 28.40 -13.71 -24.75
N LEU A 158 29.17 -12.79 -25.31
CA LEU A 158 29.17 -12.54 -26.76
C LEU A 158 30.49 -12.92 -27.46
N ASP A 159 30.37 -13.09 -28.78
CA ASP A 159 31.43 -13.43 -29.75
C ASP A 159 30.66 -13.42 -31.09
N GLU A 160 31.35 -13.41 -32.22
CA GLU A 160 30.57 -13.46 -33.47
C GLU A 160 30.38 -14.90 -33.88
N THR A 161 30.04 -15.66 -32.85
CA THR A 161 29.69 -17.07 -32.96
C THR A 161 28.20 -16.81 -32.74
N THR A 162 27.93 -15.83 -31.86
CA THR A 162 26.60 -15.38 -31.50
C THR A 162 25.96 -14.79 -32.76
N ARG A 163 24.88 -15.43 -33.19
CA ARG A 163 24.14 -15.01 -34.36
C ARG A 163 22.93 -14.18 -33.91
N SER A 164 22.41 -14.47 -32.71
CA SER A 164 21.25 -13.74 -32.18
C SER A 164 21.09 -13.82 -30.67
N VAL A 165 20.61 -12.71 -30.09
CA VAL A 165 20.35 -12.57 -28.66
C VAL A 165 18.97 -11.94 -28.42
N LEU A 166 18.27 -12.41 -27.39
CA LEU A 166 16.97 -11.87 -27.03
C LEU A 166 17.07 -11.21 -25.67
N VAL A 167 17.08 -9.87 -25.68
CA VAL A 167 17.15 -9.11 -24.44
C VAL A 167 15.75 -8.69 -24.01
N ASN A 168 15.50 -8.83 -22.71
CA ASN A 168 14.20 -8.50 -22.13
C ASN A 168 14.40 -7.74 -20.80
N ALA A 169 13.72 -6.60 -20.69
CA ALA A 169 13.82 -5.75 -19.50
C ALA A 169 12.46 -5.31 -18.96
N ILE A 170 12.29 -5.43 -17.64
CA ILE A 170 11.06 -5.05 -16.96
C ILE A 170 11.33 -4.28 -15.66
N TYR A 171 10.70 -3.11 -15.53
CA TYR A 171 10.86 -2.26 -14.34
C TYR A 171 9.52 -1.93 -13.66
N PHE A 172 9.55 -1.92 -12.34
CA PHE A 172 8.35 -1.59 -11.58
C PHE A 172 8.60 -0.82 -10.30
N LYS A 173 7.73 0.15 -10.09
CA LYS A 173 7.71 1.01 -8.91
C LYS A 173 6.32 1.64 -8.94
N GLY A 174 5.55 1.48 -7.87
CA GLY A 174 4.21 2.04 -7.85
C GLY A 174 3.83 2.91 -6.67
N SER A 175 2.73 3.64 -6.86
CA SER A 175 2.15 4.53 -5.86
C SER A 175 0.88 3.90 -5.35
N TRP A 176 0.83 3.67 -4.04
CA TRP A 176 -0.31 3.06 -3.37
C TRP A 176 -1.54 3.94 -3.45
N LYS A 177 -2.72 3.30 -3.37
CA LYS A 177 -4.00 4.00 -3.38
C LYS A 177 -4.03 4.92 -2.15
N ASP A 178 -3.40 4.45 -1.08
CA ASP A 178 -3.28 5.18 0.17
C ASP A 178 -1.85 4.81 0.62
N LYS A 179 -1.02 5.82 0.80
CA LYS A 179 0.38 5.59 1.17
C LYS A 179 0.73 5.31 2.63
N PHE A 180 1.97 4.90 2.83
CA PHE A 180 2.52 4.64 4.16
C PHE A 180 3.30 5.89 4.48
N VAL A 181 3.34 6.24 5.77
CA VAL A 181 4.06 7.42 6.23
C VAL A 181 5.52 7.03 6.49
N LYS A 182 6.45 7.86 6.02
CA LYS A 182 7.87 7.58 6.21
C LYS A 182 8.29 7.69 7.67
N GLU A 183 7.67 8.63 8.37
CA GLU A 183 7.92 8.83 9.79
C GLU A 183 7.43 7.63 10.59
N ARG A 184 6.54 6.82 10.00
CA ARG A 184 6.04 5.64 10.68
C ARG A 184 6.87 4.38 10.41
N THR A 185 7.79 4.48 9.45
CA THR A 185 8.68 3.36 9.11
C THR A 185 9.81 3.27 10.15
N MET A 186 10.04 2.05 10.62
CA MET A 186 11.05 1.77 11.64
C MET A 186 11.48 0.33 11.43
N ASP A 187 12.61 -0.04 12.02
CA ASP A 187 13.10 -1.41 11.89
C ASP A 187 12.31 -2.32 12.81
N ARG A 188 11.64 -3.28 12.21
CA ARG A 188 10.83 -4.25 12.95
C ARG A 188 11.27 -5.65 12.56
N ASP A 189 11.00 -6.61 13.43
CA ASP A 189 11.37 -8.00 13.19
C ASP A 189 10.93 -8.68 11.91
N PHE A 190 11.82 -9.53 11.39
CA PHE A 190 11.54 -10.32 10.21
C PHE A 190 12.19 -11.69 10.46
N HIS A 191 11.42 -12.74 10.25
CA HIS A 191 11.88 -14.12 10.48
C HIS A 191 12.43 -14.78 9.23
N VAL A 192 13.75 -14.63 9.03
CA VAL A 192 14.44 -15.21 7.87
C VAL A 192 14.38 -16.73 7.93
N SER A 193 14.22 -17.23 9.15
CA SER A 193 14.11 -18.65 9.43
C SER A 193 13.54 -18.83 10.85
N LYS A 194 13.19 -20.07 11.17
CA LYS A 194 12.66 -20.41 12.48
C LYS A 194 13.70 -20.18 13.58
N ASP A 195 14.97 -20.09 13.18
CA ASP A 195 16.07 -19.84 14.12
C ASP A 195 16.48 -18.35 14.09
N LYS A 196 16.57 -17.77 12.89
CA LYS A 196 16.96 -16.37 12.69
C LYS A 196 15.82 -15.36 12.68
N THR A 197 16.15 -14.16 13.12
CA THR A 197 15.23 -13.03 13.18
C THR A 197 16.08 -11.78 13.12
N ILE A 198 15.84 -10.99 12.08
CA ILE A 198 16.59 -9.77 11.87
C ILE A 198 15.61 -8.61 11.95
N LYS A 199 16.15 -7.41 11.93
CA LYS A 199 15.33 -6.20 11.96
C LYS A 199 15.45 -5.52 10.62
N VAL A 200 14.30 -5.25 10.00
CA VAL A 200 14.24 -4.60 8.69
C VAL A 200 13.32 -3.39 8.72
N PRO A 201 13.61 -2.35 7.90
CA PRO A 201 12.79 -1.13 7.82
C PRO A 201 11.41 -1.61 7.38
N THR A 202 10.47 -1.58 8.32
CA THR A 202 9.12 -2.05 8.06
C THR A 202 8.13 -0.90 8.02
N MET A 203 7.41 -0.82 6.90
CA MET A 203 6.39 0.21 6.68
C MET A 203 5.10 -0.15 7.43
N ILE A 204 4.58 0.80 8.20
CA ILE A 204 3.36 0.59 8.97
C ILE A 204 2.26 1.52 8.45
N GLY A 205 1.07 0.98 8.22
CA GLY A 205 -0.03 1.78 7.73
C GLY A 205 -1.31 1.00 7.54
N LYS A 206 -2.44 1.68 7.68
CA LYS A 206 -3.75 1.06 7.53
C LYS A 206 -4.12 1.10 6.06
N LYS A 207 -4.73 0.02 5.58
CA LYS A 207 -5.13 -0.08 4.18
C LYS A 207 -6.46 -0.80 4.08
N ASP A 208 -7.29 -0.35 3.14
CA ASP A 208 -8.58 -0.98 2.86
C ASP A 208 -8.21 -2.03 1.83
N VAL A 209 -7.92 -3.23 2.31
CA VAL A 209 -7.48 -4.36 1.47
C VAL A 209 -8.49 -5.50 1.35
N ARG A 210 -8.18 -6.42 0.43
CA ARG A 210 -8.95 -7.63 0.22
C ARG A 210 -8.04 -8.69 0.87
N TYR A 211 -8.55 -9.31 1.93
CA TYR A 211 -7.82 -10.30 2.70
C TYR A 211 -8.41 -11.69 2.49
N ALA A 212 -7.58 -12.71 2.65
CA ALA A 212 -8.02 -14.09 2.49
C ALA A 212 -7.13 -15.05 3.25
N ASP A 213 -7.74 -15.90 4.05
CA ASP A 213 -7.03 -16.93 4.79
C ASP A 213 -7.22 -18.15 3.88
N VAL A 214 -6.15 -18.62 3.24
CA VAL A 214 -6.21 -19.74 2.32
C VAL A 214 -5.64 -21.04 2.89
N PRO A 215 -6.52 -21.98 3.27
CA PRO A 215 -6.10 -23.28 3.84
C PRO A 215 -5.36 -24.18 2.84
N GLU A 216 -5.79 -24.13 1.58
CA GLU A 216 -5.20 -24.92 0.50
C GLU A 216 -3.70 -24.61 0.30
N LEU A 217 -3.31 -23.42 0.72
CA LEU A 217 -1.92 -22.96 0.61
C LEU A 217 -1.29 -22.77 1.98
N ASP A 218 -2.11 -22.87 3.03
CA ASP A 218 -1.66 -22.69 4.41
C ASP A 218 -0.98 -21.33 4.43
N ALA A 219 -1.69 -20.34 3.92
CA ALA A 219 -1.15 -19.01 3.84
C ALA A 219 -2.26 -17.98 3.91
N LYS A 220 -1.84 -16.73 4.06
CA LYS A 220 -2.70 -15.57 4.11
C LYS A 220 -2.48 -14.80 2.81
N MET A 221 -3.56 -14.38 2.16
CA MET A 221 -3.46 -13.59 0.94
C MET A 221 -4.02 -12.21 1.19
N ILE A 222 -3.22 -11.19 0.90
CA ILE A 222 -3.62 -9.81 1.07
C ILE A 222 -3.47 -9.15 -0.28
N GLU A 223 -4.36 -8.22 -0.59
CA GLU A 223 -4.27 -7.52 -1.85
C GLU A 223 -4.38 -6.04 -1.60
N MET A 224 -3.26 -5.35 -1.81
CA MET A 224 -3.20 -3.91 -1.62
C MET A 224 -3.20 -3.26 -3.01
N SER A 225 -4.06 -2.27 -3.18
CA SER A 225 -4.19 -1.59 -4.46
C SER A 225 -3.43 -0.29 -4.59
N TYR A 226 -2.99 -0.04 -5.81
CA TYR A 226 -2.27 1.15 -6.17
C TYR A 226 -3.37 2.10 -6.67
N GLU A 227 -3.01 3.33 -6.99
CA GLU A 227 -3.99 4.29 -7.48
C GLU A 227 -4.73 3.83 -8.73
N GLY A 228 -5.95 4.35 -8.90
CA GLY A 228 -6.77 4.02 -10.05
C GLY A 228 -7.58 2.74 -9.89
N ASP A 229 -7.08 1.84 -9.04
CA ASP A 229 -7.71 0.55 -8.78
C ASP A 229 -7.72 -0.33 -10.02
N GLN A 230 -6.53 -0.51 -10.59
CA GLN A 230 -6.32 -1.32 -11.78
C GLN A 230 -5.15 -2.25 -11.51
N ALA A 231 -4.23 -1.78 -10.68
CA ALA A 231 -3.04 -2.54 -10.30
C ALA A 231 -3.16 -2.95 -8.84
N SER A 232 -2.69 -4.16 -8.52
CA SER A 232 -2.77 -4.69 -7.17
C SER A 232 -1.57 -5.55 -6.78
N MET A 233 -1.04 -5.31 -5.58
CA MET A 233 0.08 -6.08 -5.05
C MET A 233 -0.45 -7.32 -4.34
N ILE A 234 -0.16 -8.50 -4.90
CA ILE A 234 -0.60 -9.74 -4.29
C ILE A 234 0.50 -10.37 -3.41
N ILE A 235 0.20 -10.46 -2.12
CA ILE A 235 1.12 -11.07 -1.15
C ILE A 235 0.46 -12.28 -0.51
N ILE A 236 1.11 -13.43 -0.63
CA ILE A 236 0.63 -14.68 -0.05
C ILE A 236 1.66 -15.05 1.03
N LEU A 237 1.28 -14.82 2.28
CA LEU A 237 2.16 -15.10 3.41
C LEU A 237 1.90 -16.48 4.07
N PRO A 238 2.88 -17.42 3.96
CA PRO A 238 2.72 -18.74 4.57
C PRO A 238 2.63 -18.71 6.10
N ASN A 239 1.72 -19.51 6.66
CA ASN A 239 1.50 -19.57 8.11
C ASN A 239 2.70 -20.06 8.90
N GLN A 240 3.58 -20.76 8.22
CA GLN A 240 4.80 -21.26 8.81
C GLN A 240 5.98 -20.37 8.38
N VAL A 241 6.89 -20.07 9.30
CA VAL A 241 8.06 -19.24 8.99
C VAL A 241 8.82 -19.82 7.79
N ASP A 242 8.96 -21.14 7.78
CA ASP A 242 9.66 -21.88 6.73
C ASP A 242 8.70 -22.42 5.64
N GLY A 243 7.42 -22.06 5.74
CA GLY A 243 6.44 -22.55 4.79
C GLY A 243 6.55 -22.03 3.37
N ILE A 244 7.65 -21.38 3.03
CA ILE A 244 7.85 -20.80 1.68
C ILE A 244 8.12 -21.79 0.55
N THR A 245 9.08 -22.68 0.74
CA THR A 245 9.40 -23.65 -0.31
C THR A 245 8.27 -24.64 -0.48
N ALA A 246 7.42 -24.75 0.54
CA ALA A 246 6.26 -25.63 0.50
C ALA A 246 5.14 -24.94 -0.27
N LEU A 247 5.14 -23.61 -0.20
CA LEU A 247 4.15 -22.79 -0.88
C LEU A 247 4.47 -22.73 -2.37
N GLU A 248 5.76 -22.66 -2.68
CA GLU A 248 6.23 -22.63 -4.07
C GLU A 248 5.70 -23.85 -4.81
N GLN A 249 5.71 -24.98 -4.12
CA GLN A 249 5.24 -26.25 -4.66
C GLN A 249 3.76 -26.22 -5.08
N LYS A 250 2.93 -25.63 -4.21
CA LYS A 250 1.48 -25.50 -4.42
C LYS A 250 1.17 -24.46 -5.48
N LEU A 251 2.07 -23.49 -5.61
CA LEU A 251 1.99 -22.41 -6.57
C LEU A 251 2.42 -22.87 -7.96
N LYS A 252 2.68 -24.19 -8.09
CA LYS A 252 3.06 -24.80 -9.38
C LYS A 252 1.79 -25.11 -10.16
N ASP A 253 0.66 -24.91 -9.46
CA ASP A 253 -0.70 -25.11 -9.96
C ASP A 253 -1.13 -23.75 -10.52
N PRO A 254 -1.36 -23.66 -11.84
CA PRO A 254 -1.78 -22.38 -12.45
C PRO A 254 -3.14 -21.85 -12.00
N LYS A 255 -3.88 -22.67 -11.26
CA LYS A 255 -5.22 -22.31 -10.79
C LYS A 255 -5.32 -22.01 -9.29
N ALA A 256 -4.29 -22.40 -8.55
CA ALA A 256 -4.22 -22.19 -7.09
C ALA A 256 -4.45 -20.73 -6.66
N LEU A 257 -4.18 -19.81 -7.59
CA LEU A 257 -4.34 -18.38 -7.35
C LEU A 257 -5.78 -17.89 -7.57
N SER A 258 -6.40 -18.34 -8.66
CA SER A 258 -7.79 -17.98 -8.98
C SER A 258 -8.70 -18.45 -7.85
N ARG A 259 -8.47 -19.69 -7.41
CA ARG A 259 -9.22 -20.31 -6.34
C ARG A 259 -8.96 -19.65 -4.98
N ALA A 260 -7.80 -19.03 -4.84
CA ALA A 260 -7.41 -18.34 -3.60
C ALA A 260 -8.03 -16.94 -3.53
N GLU A 261 -8.28 -16.36 -4.70
CA GLU A 261 -8.87 -15.04 -4.84
C GLU A 261 -10.39 -14.99 -4.73
N GLU A 262 -11.00 -16.15 -4.51
CA GLU A 262 -12.45 -16.26 -4.36
C GLU A 262 -12.85 -16.33 -2.87
N ARG A 263 -11.84 -16.52 -2.04
CA ARG A 263 -11.98 -16.58 -0.58
C ARG A 263 -11.59 -15.21 -0.01
N LEU A 264 -11.10 -14.37 -0.91
CA LEU A 264 -10.65 -13.01 -0.65
C LEU A 264 -11.86 -12.14 -0.29
N TYR A 265 -11.80 -11.50 0.87
CA TYR A 265 -12.87 -10.62 1.32
C TYR A 265 -12.32 -9.23 1.63
N ASN A 266 -13.21 -8.23 1.67
CA ASN A 266 -12.80 -6.86 1.93
C ASN A 266 -12.76 -6.54 3.42
N THR A 267 -11.64 -5.97 3.86
CA THR A 267 -11.46 -5.60 5.25
C THR A 267 -10.47 -4.43 5.39
N GLU A 268 -10.43 -3.83 6.58
CA GLU A 268 -9.54 -2.71 6.90
C GLU A 268 -8.57 -3.21 7.95
N VAL A 269 -7.31 -3.31 7.59
CA VAL A 269 -6.30 -3.83 8.48
C VAL A 269 -5.06 -2.93 8.48
N GLU A 270 -4.28 -3.02 9.56
CA GLU A 270 -3.04 -2.28 9.69
C GLU A 270 -1.91 -3.15 9.13
N ILE A 271 -1.49 -2.85 7.91
CA ILE A 271 -0.44 -3.60 7.25
C ILE A 271 0.98 -3.19 7.70
N THR A 272 1.80 -4.20 7.98
CA THR A 272 3.18 -3.97 8.39
C THR A 272 4.06 -4.67 7.34
N LEU A 273 4.41 -3.92 6.29
CA LEU A 273 5.19 -4.39 5.16
C LEU A 273 6.63 -3.86 5.04
N PRO A 274 7.62 -4.77 4.95
CA PRO A 274 9.01 -4.35 4.84
C PRO A 274 9.28 -3.77 3.45
N LYS A 275 10.13 -2.76 3.35
CA LYS A 275 10.46 -2.20 2.04
C LYS A 275 11.34 -3.24 1.36
N PHE A 276 11.33 -3.25 0.03
CA PHE A 276 12.16 -4.21 -0.70
C PHE A 276 12.45 -3.87 -2.15
N LYS A 277 13.66 -4.23 -2.55
CA LYS A 277 14.15 -4.02 -3.91
C LYS A 277 14.73 -5.35 -4.38
N ILE A 278 14.41 -5.71 -5.61
CA ILE A 278 14.91 -6.95 -6.20
C ILE A 278 15.31 -6.73 -7.66
N GLU A 279 16.55 -7.12 -7.97
CA GLU A 279 17.14 -7.02 -9.30
C GLU A 279 17.63 -8.41 -9.72
N THR A 280 16.86 -9.10 -10.55
CA THR A 280 17.20 -10.43 -11.00
C THR A 280 17.52 -10.53 -12.49
N THR A 281 18.67 -11.13 -12.80
CA THR A 281 19.09 -11.34 -14.19
C THR A 281 18.92 -12.82 -14.46
N THR A 282 17.85 -13.12 -15.21
CA THR A 282 17.46 -14.48 -15.57
C THR A 282 17.96 -14.96 -16.94
N ASP A 283 18.41 -16.22 -16.98
CA ASP A 283 18.87 -16.86 -18.20
C ASP A 283 17.63 -17.51 -18.82
N LEU A 284 16.94 -16.77 -19.70
CA LEU A 284 15.74 -17.27 -20.38
C LEU A 284 16.04 -18.48 -21.25
N LYS A 285 17.29 -18.59 -21.68
CA LYS A 285 17.71 -19.71 -22.52
C LYS A 285 17.59 -20.97 -21.68
N GLU A 286 18.23 -20.96 -20.53
CA GLU A 286 18.22 -22.06 -19.58
C GLU A 286 16.78 -22.31 -19.08
N VAL A 287 16.12 -21.25 -18.61
CA VAL A 287 14.75 -21.30 -18.11
C VAL A 287 13.73 -21.77 -19.14
N LEU A 288 13.65 -21.08 -20.29
CA LEU A 288 12.70 -21.46 -21.33
C LEU A 288 13.00 -22.87 -21.85
N SER A 289 14.28 -23.21 -21.98
CA SER A 289 14.66 -24.54 -22.44
C SER A 289 14.18 -25.60 -21.43
N ASN A 290 13.97 -25.19 -20.18
CA ASN A 290 13.48 -26.10 -19.13
C ASN A 290 11.97 -26.03 -19.03
N MET A 291 11.36 -25.42 -20.03
CA MET A 291 9.90 -25.27 -20.11
C MET A 291 9.40 -25.81 -21.45
N ASN A 292 10.28 -26.54 -22.14
CA ASN A 292 10.01 -27.16 -23.43
C ASN A 292 10.05 -26.22 -24.63
N ILE A 293 11.14 -25.46 -24.71
CA ILE A 293 11.40 -24.50 -25.78
C ILE A 293 12.92 -24.51 -25.94
N LYS A 294 13.39 -25.58 -26.55
CA LYS A 294 14.82 -25.81 -26.77
C LYS A 294 15.26 -25.66 -28.21
N LYS A 295 14.34 -25.84 -29.15
CA LYS A 295 14.69 -25.72 -30.57
C LYS A 295 15.04 -24.30 -31.00
N LEU A 296 14.54 -23.30 -30.27
CA LEU A 296 14.84 -21.91 -30.61
C LEU A 296 16.31 -21.56 -30.41
N PHE A 297 16.87 -22.06 -29.31
CA PHE A 297 18.27 -21.81 -28.98
C PHE A 297 19.18 -22.97 -29.43
N THR A 298 18.80 -23.62 -30.54
CA THR A 298 19.54 -24.75 -31.09
C THR A 298 19.73 -24.62 -32.61
N PRO A 299 20.98 -24.76 -33.09
CA PRO A 299 21.40 -24.67 -34.50
C PRO A 299 20.78 -25.72 -35.45
N GLY A 300 20.23 -25.25 -36.57
CA GLY A 300 19.61 -26.13 -37.55
C GLY A 300 18.27 -26.71 -37.13
N ALA A 301 17.90 -26.47 -35.88
CA ALA A 301 16.64 -26.95 -35.32
C ALA A 301 15.67 -25.79 -35.11
N ALA A 302 16.23 -24.58 -34.98
CA ALA A 302 15.47 -23.35 -34.78
C ALA A 302 14.62 -23.07 -36.01
N ARG A 303 15.25 -23.09 -37.19
CA ARG A 303 14.54 -22.86 -38.44
C ARG A 303 13.92 -21.46 -38.49
N LEU A 304 14.76 -20.45 -38.28
CA LEU A 304 14.36 -19.05 -38.32
C LEU A 304 14.45 -18.56 -39.76
N GLU A 305 13.72 -19.25 -40.65
CA GLU A 305 13.73 -18.96 -42.08
C GLU A 305 12.73 -17.89 -42.53
N ASN A 306 12.02 -17.30 -41.57
CA ASN A 306 11.06 -16.23 -41.87
C ASN A 306 11.58 -14.91 -41.30
N LEU A 307 12.51 -15.01 -40.36
CA LEU A 307 13.12 -13.84 -39.75
C LEU A 307 14.00 -13.23 -40.83
N LEU A 308 14.60 -14.10 -41.65
CA LEU A 308 15.50 -13.69 -42.73
C LEU A 308 14.83 -13.55 -44.09
N LYS A 309 15.48 -12.78 -44.96
CA LYS A 309 15.04 -12.54 -46.33
C LYS A 309 15.36 -13.79 -47.13
N THR A 310 16.55 -14.31 -46.85
CA THR A 310 17.11 -15.48 -47.50
C THR A 310 16.67 -16.86 -47.00
N LYS A 311 15.91 -16.91 -45.90
CA LYS A 311 15.44 -18.17 -45.31
C LYS A 311 16.71 -18.99 -45.01
N GLU A 312 17.57 -18.40 -44.20
CA GLU A 312 18.88 -18.96 -43.86
C GLU A 312 19.04 -19.49 -42.43
N SER A 313 20.21 -20.09 -42.18
CA SER A 313 20.58 -20.69 -40.88
C SER A 313 20.69 -19.69 -39.73
N LEU A 314 19.84 -19.90 -38.73
CA LEU A 314 19.82 -19.05 -37.54
C LEU A 314 19.17 -19.75 -36.36
N THR A 315 19.60 -19.34 -35.17
CA THR A 315 19.12 -19.87 -33.90
C THR A 315 19.43 -18.82 -32.87
N VAL A 316 18.91 -18.98 -31.65
CA VAL A 316 19.18 -18.01 -30.60
C VAL A 316 20.40 -18.46 -29.79
N ASP A 317 21.27 -17.51 -29.44
CA ASP A 317 22.49 -17.78 -28.67
C ASP A 317 22.32 -17.41 -27.21
N ALA A 318 21.56 -16.35 -26.98
CA ALA A 318 21.30 -15.86 -25.64
C ALA A 318 19.88 -15.33 -25.53
N ALA A 319 19.40 -15.26 -24.30
CA ALA A 319 18.07 -14.78 -23.99
C ALA A 319 18.16 -14.38 -22.54
N ILE A 320 18.24 -13.08 -22.29
CA ILE A 320 18.36 -12.58 -20.93
C ILE A 320 17.11 -11.85 -20.48
N GLN A 321 16.89 -11.81 -19.18
CA GLN A 321 15.79 -11.06 -18.59
C GLN A 321 16.32 -10.39 -17.34
N LYS A 322 16.18 -9.08 -17.28
CA LYS A 322 16.61 -8.38 -16.09
C LYS A 322 15.38 -7.64 -15.60
N ALA A 323 15.04 -7.89 -14.34
CA ALA A 323 13.88 -7.28 -13.72
C ALA A 323 14.24 -6.49 -12.47
N PHE A 324 13.58 -5.36 -12.27
CA PHE A 324 13.80 -4.55 -11.09
C PHE A 324 12.53 -3.98 -10.47
N ILE A 325 12.16 -4.55 -9.33
CA ILE A 325 10.99 -4.12 -8.59
C ILE A 325 11.46 -3.15 -7.50
N GLU A 326 10.58 -2.27 -7.07
CA GLU A 326 10.93 -1.34 -6.01
C GLU A 326 9.69 -0.99 -5.19
N VAL A 327 9.71 -1.39 -3.92
CA VAL A 327 8.60 -1.17 -2.97
C VAL A 327 8.95 -0.29 -1.77
N ASN A 328 8.27 0.86 -1.71
CA ASN A 328 8.44 1.83 -0.64
C ASN A 328 7.13 2.43 -0.12
N GLU A 329 7.25 3.52 0.65
CA GLU A 329 6.11 4.20 1.26
C GLU A 329 5.29 5.06 0.31
N GLU A 330 5.87 5.44 -0.83
CA GLU A 330 5.22 6.28 -1.86
C GLU A 330 3.78 5.94 -2.22
N GLY A 331 2.94 6.98 -2.35
CA GLY A 331 1.55 6.76 -2.69
C GLY A 331 0.67 8.00 -2.79
N ALA A 332 -0.56 7.89 -2.27
CA ALA A 332 -1.53 8.97 -2.31
C ALA A 332 -2.11 9.35 -0.96
N GLU A 333 -3.12 10.23 -1.01
CA GLU A 333 -3.85 10.77 0.15
C GLU A 333 -3.02 11.74 1.02
N ALA A 334 -2.50 12.78 0.38
CA ALA A 334 -1.67 13.79 1.05
C ALA A 334 -0.32 13.26 1.59
N ALA A 335 -0.01 13.53 2.88
CA ALA A 335 1.28 13.08 3.41
C ALA A 335 1.58 12.69 4.88
N ALA A 336 0.81 13.12 5.88
CA ALA A 336 1.17 12.79 7.27
C ALA A 336 0.14 12.29 8.31
N ALA A 337 -0.71 13.20 8.82
CA ALA A 337 -1.76 12.84 9.80
C ALA A 337 -3.06 12.68 9.00
N ASN A 338 -2.86 12.00 7.88
CA ASN A 338 -3.76 11.65 6.78
C ASN A 338 -5.20 11.08 6.78
N ALA A 339 -5.90 10.91 7.90
CA ALA A 339 -7.27 10.33 7.89
C ALA A 339 -8.23 10.58 6.69
N PHE A 340 -9.24 11.44 6.86
CA PHE A 340 -10.21 11.71 5.77
C PHE A 340 -10.32 13.18 5.24
N GLY A 341 -11.50 13.57 4.72
CA GLY A 341 -11.74 14.92 4.16
C GLY A 341 -11.34 16.04 5.11
N ILE A 342 -12.10 16.06 6.21
CA ILE A 342 -11.86 16.94 7.34
C ILE A 342 -11.36 15.75 8.20
N VAL A 343 -10.22 15.90 8.85
CA VAL A 343 -9.68 14.77 9.62
C VAL A 343 -10.25 14.74 11.05
N PRO A 344 -11.23 13.82 11.35
CA PRO A 344 -11.79 13.81 12.68
C PRO A 344 -10.66 13.40 13.58
N LYS A 345 -10.67 13.88 14.82
CA LYS A 345 -9.63 13.55 15.74
C LYS A 345 -9.86 12.26 16.54
N SER A 346 -10.58 11.34 15.93
CA SER A 346 -10.85 10.03 16.54
C SER A 346 -9.69 9.09 16.22
N LEU A 347 -9.60 7.99 16.94
CA LEU A 347 -8.50 7.06 16.75
C LEU A 347 -9.02 5.65 16.54
N ILE A 348 -9.04 5.19 15.29
CA ILE A 348 -9.50 3.84 14.97
C ILE A 348 -8.31 2.88 14.77
N LEU A 349 -8.27 1.83 15.58
CA LEU A 349 -7.22 0.79 15.47
C LEU A 349 -7.78 -0.42 14.71
N TYR A 350 -6.99 -0.99 13.79
CA TYR A 350 -7.44 -2.15 13.02
C TYR A 350 -6.51 -3.33 13.28
N PRO A 351 -7.00 -4.58 13.10
CA PRO A 351 -6.20 -5.80 13.30
C PRO A 351 -4.87 -5.70 12.57
N GLU A 352 -3.80 -6.17 13.19
CA GLU A 352 -2.48 -6.10 12.58
C GLU A 352 -2.11 -7.31 11.74
N VAL A 353 -1.51 -7.05 10.59
CA VAL A 353 -1.02 -8.10 9.69
C VAL A 353 0.45 -7.80 9.42
N HIS A 354 1.31 -8.62 10.03
CA HIS A 354 2.77 -8.51 9.92
C HIS A 354 3.28 -9.46 8.86
N ILE A 355 3.86 -8.90 7.79
CA ILE A 355 4.43 -9.71 6.69
C ILE A 355 5.87 -9.99 7.15
N ASP A 356 5.96 -10.67 8.30
CA ASP A 356 7.24 -10.99 8.94
C ASP A 356 7.95 -12.32 8.68
N ARG A 357 7.75 -12.88 7.49
CA ARG A 357 8.39 -14.14 7.11
C ARG A 357 8.48 -14.20 5.59
N PRO A 358 9.38 -15.06 5.04
CA PRO A 358 9.51 -15.17 3.58
C PRO A 358 8.16 -15.29 2.87
N PHE A 359 7.94 -14.45 1.86
CA PHE A 359 6.69 -14.43 1.14
C PHE A 359 6.81 -14.35 -0.37
N TYR A 360 5.71 -14.65 -1.03
CA TYR A 360 5.58 -14.62 -2.47
C TYR A 360 4.73 -13.41 -2.77
N PHE A 361 5.10 -12.66 -3.80
CA PHE A 361 4.36 -11.47 -4.20
C PHE A 361 4.11 -11.51 -5.70
N GLU A 362 3.31 -10.55 -6.18
CA GLU A 362 2.97 -10.47 -7.58
C GLU A 362 2.09 -9.27 -7.90
N LEU A 363 2.41 -8.61 -9.01
CA LEU A 363 1.64 -7.47 -9.46
C LEU A 363 0.52 -7.89 -10.38
N LYS A 364 -0.71 -7.60 -10.00
CA LYS A 364 -1.88 -7.93 -10.80
C LYS A 364 -2.33 -6.66 -11.51
N ILE A 365 -1.97 -6.50 -12.78
CA ILE A 365 -2.42 -5.33 -13.53
C ILE A 365 -3.72 -5.71 -14.27
N ASP A 366 -4.80 -5.71 -13.50
CA ASP A 366 -6.13 -6.04 -13.98
C ASP A 366 -6.33 -7.45 -14.49
N GLY A 367 -6.55 -8.37 -13.55
CA GLY A 367 -6.80 -9.77 -13.88
C GLY A 367 -5.63 -10.56 -14.39
N ILE A 368 -4.49 -9.91 -14.61
CA ILE A 368 -3.31 -10.61 -15.13
C ILE A 368 -2.02 -10.25 -14.40
N PRO A 369 -1.36 -11.27 -13.79
CA PRO A 369 -0.10 -11.07 -13.07
C PRO A 369 1.02 -10.79 -14.06
N MET A 370 1.50 -9.55 -14.05
CA MET A 370 2.55 -9.14 -14.95
C MET A 370 3.94 -9.58 -14.51
N PHE A 371 4.08 -9.83 -13.21
CA PHE A 371 5.33 -10.30 -12.64
C PHE A 371 5.15 -10.78 -11.20
N ASN A 372 6.14 -11.50 -10.69
CA ASN A 372 6.08 -12.05 -9.35
C ASN A 372 7.47 -12.33 -8.78
N GLY A 373 7.51 -13.08 -7.68
CA GLY A 373 8.76 -13.43 -7.06
C GLY A 373 8.56 -13.85 -5.62
N LYS A 374 9.62 -13.77 -4.84
CA LYS A 374 9.58 -14.14 -3.44
C LYS A 374 10.62 -13.32 -2.66
N VAL A 375 10.31 -12.99 -1.42
CA VAL A 375 11.22 -12.22 -0.59
C VAL A 375 11.58 -13.02 0.67
N ILE A 376 12.82 -13.50 0.71
CA ILE A 376 13.30 -14.30 1.83
C ILE A 376 13.95 -13.45 2.92
N GLU A 377 14.39 -12.25 2.52
CA GLU A 377 15.06 -11.30 3.42
C GLU A 377 15.16 -9.93 2.73
N PRO A 378 14.36 -8.95 3.19
CA PRO A 378 14.36 -7.59 2.63
C PRO A 378 15.69 -6.85 2.67
N ILE B 1 -2.25 15.07 21.67
CA ILE B 1 -1.70 16.45 21.69
C ILE B 1 -0.30 16.52 21.06
N VAL B 2 -0.21 17.24 19.95
CA VAL B 2 1.05 17.43 19.24
C VAL B 2 1.76 18.69 19.76
N GLY B 3 2.95 18.53 20.33
CA GLY B 3 3.69 19.67 20.82
C GLY B 3 3.32 20.17 22.20
N GLY B 4 2.87 19.25 23.06
CA GLY B 4 2.50 19.65 24.41
C GLY B 4 3.46 19.14 25.47
N TYR B 5 2.99 19.23 26.72
CA TYR B 5 3.76 18.78 27.87
C TYR B 5 2.98 17.69 28.59
N THR B 6 3.58 17.14 29.63
CA THR B 6 2.89 16.13 30.41
C THR B 6 2.27 16.83 31.62
N CYS B 7 0.97 16.62 31.80
CA CYS B 7 0.22 17.21 32.91
C CYS B 7 0.61 16.59 34.25
N GLN B 8 0.52 17.39 35.33
CA GLN B 8 0.83 16.87 36.65
C GLN B 8 -0.26 15.86 36.97
N GLU B 9 0.07 14.80 37.70
CA GLU B 9 -0.94 13.79 38.07
C GLU B 9 -2.03 14.51 38.87
N ASN B 10 -3.27 14.48 38.36
CA ASN B 10 -4.47 15.09 38.98
C ASN B 10 -4.87 16.51 38.60
N SER B 11 -4.10 17.17 37.74
CA SER B 11 -4.40 18.55 37.31
C SER B 11 -5.60 18.61 36.36
N VAL B 12 -5.91 17.48 35.73
CA VAL B 12 -7.03 17.35 34.79
C VAL B 12 -7.96 16.19 35.23
N PRO B 13 -8.66 16.34 36.37
CA PRO B 13 -9.58 15.33 36.91
C PRO B 13 -10.80 15.06 36.04
N TYR B 14 -11.27 16.09 35.35
CA TYR B 14 -12.44 16.00 34.50
C TYR B 14 -12.23 15.23 33.18
N GLN B 15 -10.99 14.90 32.87
CA GLN B 15 -10.64 14.18 31.66
C GLN B 15 -10.88 12.67 31.78
N VAL B 16 -11.66 12.13 30.85
CA VAL B 16 -11.93 10.69 30.82
C VAL B 16 -11.40 10.06 29.54
N SER B 17 -11.39 8.73 29.52
CA SER B 17 -10.93 7.96 28.37
C SER B 17 -12.01 7.00 27.89
N LEU B 18 -12.34 7.06 26.60
CA LEU B 18 -13.33 6.13 26.03
C LEU B 18 -12.52 4.93 25.56
N ASN B 19 -12.97 3.74 25.92
CA ASN B 19 -12.23 2.52 25.60
C ASN B 19 -13.12 1.41 25.07
N SER B 20 -12.53 0.61 24.20
CA SER B 20 -13.19 -0.54 23.60
C SER B 20 -12.07 -1.54 23.34
N GLY B 21 -11.25 -1.79 24.37
CA GLY B 21 -10.10 -2.67 24.21
C GLY B 21 -8.89 -1.80 23.87
N TYR B 22 -9.13 -0.50 23.78
CA TYR B 22 -8.10 0.50 23.47
C TYR B 22 -8.69 1.89 23.52
N HIS B 23 -7.88 2.86 23.95
CA HIS B 23 -8.27 4.26 24.03
C HIS B 23 -8.49 4.78 22.61
N PHE B 24 -9.70 5.26 22.32
CA PHE B 24 -10.02 5.80 21.00
C PHE B 24 -10.42 7.28 21.04
N CYS B 25 -11.03 7.69 22.14
CA CYS B 25 -11.43 9.09 22.31
C CYS B 25 -11.40 9.52 23.75
N GLY B 26 -11.67 10.80 23.95
CA GLY B 26 -11.70 11.39 25.27
C GLY B 26 -13.07 11.90 25.63
N GLY B 27 -13.15 12.67 26.71
CA GLY B 27 -14.42 13.21 27.16
C GLY B 27 -14.26 14.02 28.42
N SER B 28 -15.38 14.55 28.92
CA SER B 28 -15.39 15.37 30.14
C SER B 28 -16.58 15.04 31.05
N LEU B 29 -16.29 14.84 32.33
CA LEU B 29 -17.30 14.53 33.33
C LEU B 29 -17.90 15.86 33.74
N ILE B 30 -19.20 16.03 33.51
CA ILE B 30 -19.85 17.29 33.85
C ILE B 30 -20.68 17.22 35.13
N ASN B 31 -20.87 16.00 35.62
CA ASN B 31 -21.55 15.63 36.88
C ASN B 31 -21.22 14.14 37.18
N ASP B 32 -21.44 13.67 38.40
CA ASP B 32 -21.08 12.29 38.75
C ASP B 32 -21.60 11.11 37.93
N GLN B 33 -22.39 11.35 36.89
CA GLN B 33 -22.90 10.26 36.08
C GLN B 33 -23.08 10.60 34.60
N TRP B 34 -22.54 11.73 34.19
CA TRP B 34 -22.65 12.16 32.80
C TRP B 34 -21.35 12.73 32.24
N VAL B 35 -20.91 12.11 31.15
CA VAL B 35 -19.70 12.48 30.43
C VAL B 35 -20.13 13.16 29.15
N VAL B 36 -19.48 14.26 28.79
CA VAL B 36 -19.81 14.93 27.56
C VAL B 36 -18.61 14.72 26.62
N SER B 37 -18.87 14.35 25.37
CA SER B 37 -17.81 14.07 24.37
C SER B 37 -18.22 14.50 22.95
N ALA B 38 -17.50 14.01 21.94
CA ALA B 38 -17.82 14.32 20.55
C ALA B 38 -18.66 13.17 19.98
N ALA B 39 -19.54 13.50 19.03
CA ALA B 39 -20.43 12.54 18.43
C ALA B 39 -19.81 11.56 17.47
N HIS B 40 -18.73 11.97 16.83
CA HIS B 40 -18.09 11.08 15.86
C HIS B 40 -17.28 9.97 16.53
N CYS B 41 -17.19 10.03 17.85
CA CYS B 41 -16.52 9.03 18.70
C CYS B 41 -17.51 7.98 19.15
N TYR B 42 -18.64 7.91 18.45
CA TYR B 42 -19.68 6.95 18.77
C TYR B 42 -19.31 5.50 18.49
N LYS B 43 -19.58 4.65 19.49
CA LYS B 43 -19.36 3.20 19.43
C LYS B 43 -20.46 2.58 20.30
N SER B 44 -21.03 1.46 19.83
CA SER B 44 -22.11 0.76 20.53
C SER B 44 -21.71 0.10 21.87
N ARG B 45 -20.39 -0.04 22.06
CA ARG B 45 -19.83 -0.56 23.29
C ARG B 45 -18.68 0.36 23.65
N ILE B 46 -18.83 1.06 24.78
CA ILE B 46 -17.81 2.00 25.29
C ILE B 46 -17.69 1.91 26.81
N GLN B 47 -16.46 1.79 27.28
CA GLN B 47 -16.21 1.73 28.72
C GLN B 47 -15.44 3.01 29.05
N VAL B 48 -16.03 3.85 29.89
CA VAL B 48 -15.44 5.11 30.30
C VAL B 48 -14.40 4.88 31.39
N ARG B 49 -13.20 5.42 31.20
CA ARG B 49 -12.09 5.29 32.14
C ARG B 49 -11.69 6.60 32.83
N LEU B 50 -12.15 6.73 34.06
CA LEU B 50 -11.88 7.91 34.86
C LEU B 50 -10.82 7.60 35.90
N GLY B 51 -10.06 8.61 36.28
CA GLY B 51 -9.00 8.44 37.27
C GLY B 51 -7.67 8.08 36.64
N GLU B 52 -7.66 8.04 35.32
CA GLU B 52 -6.49 7.70 34.51
C GLU B 52 -5.36 8.73 34.49
N HIS B 53 -4.15 8.20 34.53
CA HIS B 53 -2.91 8.99 34.46
C HIS B 53 -2.14 8.37 33.31
N ASN B 54 -1.72 7.13 33.49
CA ASN B 54 -1.00 6.37 32.48
C ASN B 54 -2.02 5.38 31.92
N ILE B 55 -2.36 5.55 30.65
CA ILE B 55 -3.33 4.70 29.97
C ILE B 55 -2.87 3.26 29.82
N ASN B 56 -1.60 3.07 29.49
CA ASN B 56 -1.06 1.73 29.25
C ASN B 56 -0.56 0.95 30.45
N VAL B 57 -1.29 1.04 31.56
CA VAL B 57 -0.96 0.30 32.78
C VAL B 57 -2.02 0.59 33.81
N LEU B 58 -2.30 -0.37 34.69
CA LEU B 58 -3.30 -0.18 35.73
C LEU B 58 -2.58 0.17 37.04
N GLU B 59 -2.74 1.43 37.47
CA GLU B 59 -2.09 1.92 38.68
C GLU B 59 -2.90 1.71 39.99
N GLY B 60 -4.13 1.22 39.84
CA GLY B 60 -4.97 0.93 41.00
C GLY B 60 -6.05 1.92 41.38
N ASN B 61 -5.87 3.18 41.03
CA ASN B 61 -6.82 4.25 41.38
C ASN B 61 -7.91 4.58 40.36
N GLU B 62 -7.90 3.90 39.23
CA GLU B 62 -8.87 4.13 38.17
C GLU B 62 -10.31 3.70 38.48
N GLN B 63 -11.24 4.17 37.64
CA GLN B 63 -12.66 3.87 37.73
C GLN B 63 -13.23 3.57 36.34
N PHE B 64 -13.41 2.28 36.05
CA PHE B 64 -13.93 1.88 34.75
C PHE B 64 -15.44 1.75 34.83
N VAL B 65 -16.14 2.60 34.10
CA VAL B 65 -17.60 2.57 34.07
C VAL B 65 -18.13 2.43 32.65
N ASN B 66 -19.25 1.72 32.51
CA ASN B 66 -19.86 1.51 31.22
C ASN B 66 -20.81 2.64 30.86
N ALA B 67 -20.85 2.95 29.58
CA ALA B 67 -21.71 3.97 29.02
C ALA B 67 -23.08 3.32 28.83
N ALA B 68 -23.97 3.56 29.79
CA ALA B 68 -25.34 3.03 29.76
C ALA B 68 -26.11 3.65 28.61
N LYS B 69 -26.11 4.98 28.54
CA LYS B 69 -26.76 5.74 27.49
C LYS B 69 -25.71 6.59 26.76
N ILE B 70 -25.80 6.60 25.44
CA ILE B 70 -24.89 7.33 24.56
C ILE B 70 -25.78 8.15 23.61
N ILE B 71 -25.91 9.44 23.90
CA ILE B 71 -26.75 10.37 23.14
C ILE B 71 -26.02 11.41 22.30
N LYS B 72 -25.98 11.21 20.99
CA LYS B 72 -25.34 12.16 20.08
C LYS B 72 -26.37 13.25 19.77
N HIS B 73 -25.90 14.47 19.44
CA HIS B 73 -26.84 15.56 19.12
C HIS B 73 -27.71 15.11 17.94
N PRO B 74 -29.02 15.44 17.95
CA PRO B 74 -29.92 15.05 16.86
C PRO B 74 -29.43 15.47 15.49
N ASN B 75 -28.81 16.65 15.45
CA ASN B 75 -28.33 17.26 14.21
C ASN B 75 -26.84 17.09 13.90
N PHE B 76 -26.24 16.04 14.44
CA PHE B 76 -24.84 15.75 14.18
C PHE B 76 -24.67 15.23 12.75
N ASP B 77 -23.87 15.92 11.96
CA ASP B 77 -23.61 15.51 10.58
C ASP B 77 -22.26 14.81 10.55
N ARG B 78 -22.21 13.61 9.96
CA ARG B 78 -20.98 12.84 9.88
C ARG B 78 -19.99 13.38 8.88
N LYS B 79 -20.47 14.19 7.93
CA LYS B 79 -19.60 14.73 6.90
C LYS B 79 -19.16 16.18 7.04
N THR B 80 -19.78 16.90 7.97
CA THR B 80 -19.42 18.29 8.17
C THR B 80 -18.90 18.44 9.59
N LEU B 81 -19.33 17.52 10.43
CA LEU B 81 -19.00 17.46 11.85
C LEU B 81 -19.64 18.57 12.67
N ASN B 82 -20.76 19.06 12.17
CA ASN B 82 -21.54 20.10 12.84
C ASN B 82 -22.30 19.37 13.95
N ASN B 83 -22.51 20.01 15.09
CA ASN B 83 -23.23 19.40 16.22
C ASN B 83 -22.50 18.14 16.70
N ASP B 84 -21.16 18.22 16.69
CA ASP B 84 -20.29 17.12 17.08
C ASP B 84 -20.12 17.03 18.60
N ILE B 85 -21.22 16.68 19.25
CA ILE B 85 -21.24 16.55 20.69
C ILE B 85 -22.11 15.36 21.08
N MET B 86 -21.63 14.62 22.06
CA MET B 86 -22.29 13.42 22.54
C MET B 86 -22.38 13.42 24.07
N LEU B 87 -23.48 12.89 24.58
CA LEU B 87 -23.73 12.78 26.02
C LEU B 87 -23.63 11.30 26.39
N ILE B 88 -22.94 11.02 27.48
CA ILE B 88 -22.79 9.64 27.95
C ILE B 88 -23.25 9.52 29.40
N LYS B 89 -24.20 8.64 29.65
CA LYS B 89 -24.66 8.45 31.02
C LYS B 89 -23.92 7.23 31.50
N LEU B 90 -23.22 7.38 32.62
CA LEU B 90 -22.48 6.28 33.18
C LEU B 90 -23.44 5.27 33.79
N SER B 91 -23.15 3.98 33.57
CA SER B 91 -23.97 2.89 34.10
C SER B 91 -24.20 3.02 35.61
N SER B 92 -23.31 3.75 36.29
CA SER B 92 -23.40 3.98 37.72
C SER B 92 -22.64 5.24 38.14
N PRO B 93 -23.09 5.90 39.22
CA PRO B 93 -22.39 7.11 39.66
C PRO B 93 -20.94 6.79 40.04
N VAL B 94 -20.05 7.75 39.74
CA VAL B 94 -18.63 7.61 40.05
C VAL B 94 -18.24 8.38 41.30
N LYS B 95 -17.21 7.92 41.99
CA LYS B 95 -16.73 8.64 43.18
C LYS B 95 -15.99 9.88 42.70
N LEU B 96 -16.29 11.02 43.32
CA LEU B 96 -15.64 12.28 42.97
C LEU B 96 -14.49 12.55 43.93
N ASN B 97 -13.28 12.12 43.55
CA ASN B 97 -12.05 12.30 44.35
C ASN B 97 -11.34 13.57 43.89
N ALA B 98 -10.02 13.57 44.06
CA ALA B 98 -9.14 14.64 43.64
C ALA B 98 -8.59 14.14 42.29
N ARG B 99 -9.01 12.93 41.92
CA ARG B 99 -8.60 12.27 40.70
C ARG B 99 -9.75 12.23 39.70
N VAL B 100 -10.96 12.38 40.22
CA VAL B 100 -12.18 12.37 39.41
C VAL B 100 -13.05 13.57 39.81
N ALA B 101 -13.03 14.61 38.99
CA ALA B 101 -13.82 15.82 39.25
C ALA B 101 -14.67 16.16 38.03
N THR B 102 -15.65 17.05 38.24
CA THR B 102 -16.55 17.48 37.17
C THR B 102 -16.23 18.90 36.67
N VAL B 103 -16.24 19.12 35.36
CA VAL B 103 -15.98 20.47 34.84
C VAL B 103 -17.31 21.21 34.75
N ALA B 104 -17.24 22.54 34.87
CA ALA B 104 -18.40 23.40 34.76
C ALA B 104 -18.65 23.73 33.29
N LEU B 105 -19.92 23.88 32.94
CA LEU B 105 -20.28 24.23 31.57
C LEU B 105 -20.09 25.74 31.37
N PRO B 106 -20.01 26.20 30.11
CA PRO B 106 -19.85 27.62 29.84
C PRO B 106 -20.98 28.53 30.31
N SER B 107 -20.61 29.66 30.91
CA SER B 107 -21.56 30.66 31.39
C SER B 107 -21.45 31.87 30.46
N SER B 108 -20.44 31.79 29.57
CA SER B 108 -20.14 32.81 28.57
C SER B 108 -19.53 32.12 27.36
N CYS B 109 -19.71 32.74 26.18
CA CYS B 109 -19.09 32.24 24.95
C CYS B 109 -17.79 33.02 24.97
N ALA B 110 -16.70 32.35 25.37
CA ALA B 110 -15.39 32.98 25.49
C ALA B 110 -14.92 33.67 24.22
N PRO B 111 -14.26 34.84 24.37
CA PRO B 111 -13.75 35.65 23.26
C PRO B 111 -12.46 35.11 22.63
N ALA B 112 -12.12 35.61 21.45
CA ALA B 112 -10.90 35.20 20.79
C ALA B 112 -9.72 35.70 21.62
N GLY B 113 -8.74 34.82 21.82
CA GLY B 113 -7.55 35.14 22.59
C GLY B 113 -7.60 34.57 24.00
N THR B 114 -8.74 33.99 24.36
CA THR B 114 -8.92 33.39 25.68
C THR B 114 -8.00 32.19 25.84
N GLN B 115 -7.19 32.20 26.89
CA GLN B 115 -6.27 31.11 27.15
C GLN B 115 -6.98 29.88 27.66
N CYS B 116 -6.77 28.78 26.94
CA CYS B 116 -7.40 27.51 27.25
C CYS B 116 -6.42 26.35 27.37
N LEU B 117 -6.84 25.33 28.11
CA LEU B 117 -6.05 24.12 28.31
C LEU B 117 -6.76 23.01 27.56
N ILE B 118 -6.03 22.39 26.64
CA ILE B 118 -6.54 21.27 25.84
C ILE B 118 -5.73 20.04 26.23
N SER B 119 -6.42 18.99 26.66
CA SER B 119 -5.74 17.76 27.09
C SER B 119 -6.16 16.45 26.39
N GLY B 120 -5.29 15.43 26.44
CA GLY B 120 -5.61 14.16 25.81
C GLY B 120 -4.51 13.12 25.69
N TRP B 121 -4.91 11.91 25.29
CA TRP B 121 -3.99 10.78 25.12
C TRP B 121 -3.75 10.48 23.64
N GLY B 122 -4.15 11.41 22.77
CA GLY B 122 -4.00 11.25 21.35
C GLY B 122 -2.57 11.37 20.84
N ASN B 123 -2.43 11.27 19.53
CA ASN B 123 -1.14 11.33 18.88
C ASN B 123 -0.37 12.60 19.21
N THR B 124 0.94 12.44 19.37
CA THR B 124 1.84 13.55 19.67
C THR B 124 2.68 13.99 18.47
N LEU B 125 2.60 13.22 17.39
CA LEU B 125 3.34 13.54 16.16
C LEU B 125 2.38 14.05 15.11
N SER B 126 2.77 15.14 14.45
CA SER B 126 1.96 15.74 13.39
C SER B 126 2.13 14.90 12.12
N SER B 127 3.32 14.32 11.99
CA SER B 127 3.66 13.46 10.87
C SER B 127 4.21 12.19 11.52
N GLY B 128 3.43 11.12 11.48
CA GLY B 128 3.86 9.88 12.11
C GLY B 128 2.87 9.54 13.20
N VAL B 129 3.17 8.55 14.04
CA VAL B 129 2.27 8.18 15.13
C VAL B 129 3.01 7.88 16.43
N ASN B 130 2.52 8.44 17.54
CA ASN B 130 3.12 8.23 18.85
C ASN B 130 2.07 8.41 19.93
N GLU B 131 1.72 7.30 20.58
CA GLU B 131 0.72 7.28 21.62
C GLU B 131 1.37 7.44 22.99
N PRO B 132 1.05 8.53 23.71
CA PRO B 132 1.55 8.87 25.05
C PRO B 132 1.00 7.96 26.16
N ASP B 133 1.83 7.61 27.14
CA ASP B 133 1.38 6.77 28.24
C ASP B 133 0.59 7.65 29.23
N LEU B 134 1.18 8.78 29.57
CA LEU B 134 0.60 9.74 30.51
C LEU B 134 -0.13 10.85 29.76
N LEU B 135 -1.10 11.48 30.41
CA LEU B 135 -1.87 12.57 29.81
C LEU B 135 -1.01 13.74 29.38
N GLN B 136 -1.35 14.31 28.22
CA GLN B 136 -0.65 15.45 27.67
C GLN B 136 -1.55 16.67 27.77
N CYS B 137 -0.94 17.82 28.02
CA CYS B 137 -1.70 19.06 28.12
C CYS B 137 -1.12 20.01 27.12
N LEU B 138 -1.92 21.01 26.75
CA LEU B 138 -1.51 22.03 25.80
C LEU B 138 -2.23 23.33 26.11
N ASP B 139 -1.46 24.41 26.21
CA ASP B 139 -2.02 25.73 26.44
C ASP B 139 -2.21 26.32 25.03
N ALA B 140 -3.47 26.53 24.65
CA ALA B 140 -3.80 27.07 23.31
C ALA B 140 -4.95 28.08 23.40
N PRO B 141 -4.80 29.23 22.72
CA PRO B 141 -5.76 30.33 22.68
C PRO B 141 -6.92 30.11 21.73
N LEU B 142 -8.04 30.77 21.97
CA LEU B 142 -9.17 30.66 21.06
C LEU B 142 -8.85 31.63 19.93
N LEU B 143 -8.90 31.17 18.68
CA LEU B 143 -8.59 32.03 17.54
C LEU B 143 -9.84 32.74 17.01
N PRO B 144 -9.66 33.92 16.38
CA PRO B 144 -10.80 34.67 15.83
C PRO B 144 -11.50 33.82 14.79
N GLN B 145 -12.83 33.90 14.76
CA GLN B 145 -13.60 33.12 13.80
C GLN B 145 -13.22 33.52 12.37
N ALA B 146 -12.64 34.71 12.25
CA ALA B 146 -12.20 35.24 10.96
C ALA B 146 -10.98 34.46 10.44
N ASP B 147 -10.08 34.08 11.35
CA ASP B 147 -8.89 33.30 11.03
C ASP B 147 -9.27 31.84 10.91
N CYS B 148 -10.29 31.46 11.67
CA CYS B 148 -10.80 30.09 11.65
C CYS B 148 -11.43 29.79 10.29
N GLU B 149 -12.28 30.70 9.83
CA GLU B 149 -12.94 30.54 8.54
C GLU B 149 -11.98 30.66 7.36
N ALA B 150 -10.94 31.46 7.51
CA ALA B 150 -9.94 31.66 6.47
C ALA B 150 -9.09 30.41 6.30
N SER B 151 -8.91 29.68 7.39
CA SER B 151 -8.12 28.45 7.43
C SER B 151 -8.87 27.28 6.77
N TYR B 152 -10.21 27.31 6.86
CA TYR B 152 -11.10 26.29 6.26
C TYR B 152 -12.40 26.88 5.69
N PRO B 153 -12.36 27.46 4.48
CA PRO B 153 -13.54 28.08 3.84
C PRO B 153 -14.78 27.19 3.61
N GLY B 154 -15.91 27.63 4.17
CA GLY B 154 -17.16 26.91 4.04
C GLY B 154 -17.33 25.74 5.00
N LYS B 155 -16.25 25.44 5.72
CA LYS B 155 -16.23 24.33 6.65
C LYS B 155 -16.52 24.71 8.11
N ILE B 156 -16.48 26.01 8.41
CA ILE B 156 -16.74 26.49 9.77
C ILE B 156 -18.18 26.98 9.95
N THR B 157 -18.84 26.55 11.04
CA THR B 157 -20.20 26.99 11.35
C THR B 157 -20.18 27.74 12.67
N ASP B 158 -21.34 28.28 13.06
CA ASP B 158 -21.49 29.03 14.31
C ASP B 158 -21.33 28.14 15.54
N ASN B 159 -21.25 26.83 15.30
CA ASN B 159 -21.10 25.83 16.35
C ASN B 159 -19.66 25.35 16.49
N MET B 160 -18.77 25.83 15.62
CA MET B 160 -17.37 25.44 15.66
C MET B 160 -16.49 26.60 16.07
N VAL B 161 -15.31 26.29 16.59
CA VAL B 161 -14.35 27.30 17.02
C VAL B 161 -12.92 26.76 16.89
N CYS B 162 -12.04 27.55 16.27
CA CYS B 162 -10.63 27.15 16.11
C CYS B 162 -9.80 27.56 17.32
N VAL B 163 -9.07 26.60 17.89
CA VAL B 163 -8.24 26.84 19.06
C VAL B 163 -6.85 26.29 18.73
N GLY B 164 -5.82 27.14 18.81
CA GLY B 164 -4.49 26.66 18.49
C GLY B 164 -3.53 27.74 18.04
N PHE B 165 -2.63 27.38 17.12
CA PHE B 165 -1.61 28.28 16.57
C PHE B 165 -1.54 28.17 15.03
N LEU B 166 -1.65 29.30 14.34
CA LEU B 166 -1.60 29.29 12.88
C LEU B 166 -0.24 28.84 12.33
N GLU B 167 0.83 29.08 13.09
CA GLU B 167 2.16 28.64 12.67
C GLU B 167 2.37 27.14 12.95
N GLY B 168 1.32 26.48 13.44
CA GLY B 168 1.40 25.06 13.74
C GLY B 168 2.28 24.74 14.91
N GLY B 169 2.75 23.49 14.95
CA GLY B 169 3.61 23.06 16.04
C GLY B 169 2.93 22.46 17.25
N LYS B 170 1.87 23.10 17.73
CA LYS B 170 1.09 22.68 18.90
C LYS B 170 -0.39 22.58 18.55
N ASP B 171 -0.93 21.37 18.52
CA ASP B 171 -2.33 21.12 18.15
C ASP B 171 -2.83 19.84 18.83
N SER B 172 -4.09 19.50 18.57
CA SER B 172 -4.69 18.27 19.10
C SER B 172 -4.58 17.30 17.94
N CYS B 173 -4.65 16.00 18.21
CA CYS B 173 -4.49 15.05 17.11
C CYS B 173 -5.42 13.85 17.23
N GLN B 174 -5.06 12.75 16.58
CA GLN B 174 -5.85 11.52 16.60
C GLN B 174 -5.81 10.86 17.97
N GLY B 175 -6.99 10.75 18.57
CA GLY B 175 -7.12 10.14 19.89
C GLY B 175 -7.58 11.14 20.92
N ASP B 176 -7.52 12.42 20.57
CA ASP B 176 -7.93 13.50 21.48
C ASP B 176 -9.39 13.88 21.26
N ALA B 177 -10.01 13.37 20.21
CA ALA B 177 -11.40 13.70 19.90
C ALA B 177 -12.33 13.48 21.09
N GLY B 178 -13.23 14.44 21.30
CA GLY B 178 -14.17 14.36 22.40
C GLY B 178 -13.59 15.01 23.64
N GLY B 179 -12.26 15.11 23.64
CA GLY B 179 -11.54 15.69 24.74
C GLY B 179 -11.87 17.14 25.05
N PRO B 180 -11.50 17.59 26.25
CA PRO B 180 -11.68 18.92 26.85
C PRO B 180 -10.82 20.06 26.32
N VAL B 181 -11.40 21.25 26.35
CA VAL B 181 -10.76 22.50 25.96
C VAL B 181 -11.28 23.45 27.02
N VAL B 182 -10.66 23.37 28.20
CA VAL B 182 -11.07 24.19 29.32
C VAL B 182 -10.46 25.59 29.38
N CYS B 183 -11.32 26.60 29.40
CA CYS B 183 -10.88 27.99 29.48
C CYS B 183 -11.48 28.57 30.76
N ASN B 184 -10.62 29.03 31.66
CA ASN B 184 -11.04 29.62 32.92
C ASN B 184 -12.07 28.76 33.66
N GLY B 185 -11.73 27.49 33.85
CA GLY B 185 -12.61 26.57 34.56
C GLY B 185 -13.89 26.17 33.87
N GLU B 186 -14.05 26.55 32.59
CA GLU B 186 -15.26 26.20 31.83
C GLU B 186 -14.95 25.52 30.51
N LEU B 187 -15.63 24.41 30.27
CA LEU B 187 -15.45 23.64 29.04
C LEU B 187 -15.98 24.39 27.83
N GLN B 188 -15.12 25.19 27.20
CA GLN B 188 -15.51 25.96 26.03
C GLN B 188 -15.49 25.15 24.72
N GLY B 189 -14.66 24.11 24.66
CA GLY B 189 -14.57 23.30 23.46
C GLY B 189 -14.41 21.80 23.65
N ILE B 190 -14.59 21.06 22.57
CA ILE B 190 -14.49 19.60 22.53
C ILE B 190 -13.67 19.29 21.29
N VAL B 191 -12.57 18.55 21.45
CA VAL B 191 -11.71 18.21 20.32
C VAL B 191 -12.54 17.54 19.22
N SER B 192 -12.54 18.15 18.03
CA SER B 192 -13.32 17.64 16.92
C SER B 192 -12.55 17.23 15.67
N TRP B 193 -11.96 18.21 14.96
CA TRP B 193 -11.21 17.94 13.73
C TRP B 193 -10.21 19.03 13.30
N GLY B 194 -9.65 18.87 12.10
CA GLY B 194 -8.69 19.83 11.58
C GLY B 194 -7.97 19.14 10.46
N TYR B 195 -7.32 19.87 9.57
CA TYR B 195 -6.60 19.22 8.47
C TYR B 195 -5.25 18.76 9.00
N GLY B 196 -5.07 17.44 9.12
CA GLY B 196 -3.84 16.91 9.66
C GLY B 196 -3.75 17.30 11.13
N CYS B 197 -2.53 17.41 11.65
CA CYS B 197 -2.28 17.79 13.05
C CYS B 197 -1.09 18.73 13.16
N ALA B 198 -1.24 19.82 13.89
CA ALA B 198 -0.13 20.76 14.07
C ALA B 198 0.49 21.29 12.77
N LEU B 199 -0.35 21.44 11.74
CA LEU B 199 0.09 21.96 10.44
C LEU B 199 -0.16 23.46 10.36
N PRO B 200 0.79 24.20 9.75
CA PRO B 200 0.66 25.66 9.62
C PRO B 200 -0.60 25.96 8.82
N ASP B 201 -1.33 26.98 9.28
CA ASP B 201 -2.57 27.43 8.65
C ASP B 201 -3.74 26.48 8.83
N ASN B 202 -3.55 25.42 9.62
CA ASN B 202 -4.61 24.47 9.86
C ASN B 202 -4.82 24.27 11.35
N PRO B 203 -5.43 25.25 12.04
CA PRO B 203 -5.68 25.13 13.47
C PRO B 203 -6.70 24.02 13.79
N GLY B 204 -6.75 23.62 15.05
CA GLY B 204 -7.71 22.59 15.41
C GLY B 204 -9.08 23.20 15.57
N VAL B 205 -10.06 22.55 14.97
CA VAL B 205 -11.45 22.98 15.07
C VAL B 205 -12.09 22.18 16.22
N TYR B 206 -12.81 22.87 17.08
CA TYR B 206 -13.46 22.25 18.23
C TYR B 206 -14.94 22.65 18.25
N THR B 207 -15.73 21.90 19.01
CA THR B 207 -17.16 22.18 19.14
C THR B 207 -17.32 23.29 20.19
N LYS B 208 -17.95 24.39 19.80
CA LYS B 208 -18.20 25.55 20.66
C LYS B 208 -19.36 25.15 21.60
N VAL B 209 -18.99 24.69 22.79
CA VAL B 209 -19.94 24.21 23.81
C VAL B 209 -20.99 25.19 24.32
N CYS B 210 -20.70 26.49 24.28
CA CYS B 210 -21.65 27.49 24.75
C CYS B 210 -22.97 27.54 23.97
N ASN B 211 -23.04 26.79 22.87
CA ASN B 211 -24.25 26.74 22.06
C ASN B 211 -25.12 25.51 22.36
N TYR B 212 -24.67 24.67 23.30
CA TYR B 212 -25.39 23.44 23.65
C TYR B 212 -25.77 23.34 25.12
N VAL B 213 -25.52 24.40 25.87
CA VAL B 213 -25.79 24.42 27.31
C VAL B 213 -27.21 24.01 27.68
N ASP B 214 -28.19 24.63 27.03
CA ASP B 214 -29.59 24.31 27.28
C ASP B 214 -29.85 22.86 26.94
N TRP B 215 -29.29 22.43 25.81
CA TRP B 215 -29.46 21.07 25.33
C TRP B 215 -28.83 20.04 26.27
N ILE B 216 -27.62 20.31 26.71
CA ILE B 216 -26.93 19.40 27.62
C ILE B 216 -27.72 19.32 28.94
N GLN B 217 -28.20 20.47 29.41
CA GLN B 217 -28.96 20.52 30.66
C GLN B 217 -30.32 19.86 30.57
N ASP B 218 -31.00 20.10 29.45
CA ASP B 218 -32.34 19.55 29.21
C ASP B 218 -32.40 18.04 29.01
N THR B 219 -31.43 17.50 28.27
CA THR B 219 -31.35 16.06 27.98
C THR B 219 -31.06 15.24 29.23
N ILE B 220 -30.04 15.66 29.98
CA ILE B 220 -29.62 15.01 31.22
C ILE B 220 -30.74 14.97 32.23
N ALA B 221 -31.32 16.14 32.50
CA ALA B 221 -32.42 16.32 33.46
C ALA B 221 -33.65 15.44 33.14
N ALA B 222 -33.88 15.20 31.85
CA ALA B 222 -35.00 14.39 31.36
C ALA B 222 -34.71 12.88 31.32
N ASN B 223 -33.44 12.51 31.15
CA ASN B 223 -33.00 11.11 31.10
C ASN B 223 -32.15 10.71 32.30
#